data_1N11
#
_entry.id   1N11
#
_cell.length_a   137.329
_cell.length_b   137.329
_cell.length_c   197.801
_cell.angle_alpha   90
_cell.angle_beta   90
_cell.angle_gamma   120
#
_symmetry.space_group_name_H-M   'P 63 2 2'
#
loop_
_entity.id
_entity.type
_entity.pdbx_description
1 polymer Ankyrin
2 non-polymer 'BROMIDE ION'
3 non-polymer 'CHLORIDE ION'
#
_entity_poly.entity_id   1
_entity_poly.type   'polypeptide(L)'
_entity_poly.pdbx_seq_one_letter_code
;GSPGISGGGGGESGLTPLHVASFMGHLPIVKNLLQRGASPNVSNVKVETPLHMAARAGHTEVAKYLLQNKAKVNAKAKDD
QTPLHCAARIGHTNMVKLLLENNANPNLATTAGHTPLHIAAREGHVETVLALLEKEASQACMTKKGFTPLHVAAKYGKVR
VAELLLERDAHPNAAGKNGLTPLHVAVHHNNLDIVKLLLPRGGSPHSPAWNGYTPLHIAAKQNQVEVARSLLQYGGSANA
ESVQGVTPLHLAAQEGHAEMVALLLSKQANGNLGNKSGLTPLHLVAQEGHVPVADVLIKHGVMVDATTRMGYTPLHVASH
YGNIKLVKFLLQHQADVNAKTKLGYSPLHQAAQQGHTDIVTLLLKNGASPNEVSSDGTTPLAIAKRLGYISVTDVLKVVT
DETSFVLVSDKHRMSFPETVDEILDVSEDEGEELISF
;
_entity_poly.pdbx_strand_id   A
#
# COMPACT_ATOMS: atom_id res chain seq x y z
N LEU A 15 31.47 8.87 -29.10
CA LEU A 15 32.37 7.88 -28.43
C LEU A 15 33.78 7.90 -29.00
N THR A 16 34.76 8.24 -28.16
CA THR A 16 36.16 8.29 -28.57
C THR A 16 36.71 6.86 -28.66
N PRO A 17 37.93 6.69 -29.21
CA PRO A 17 38.47 5.32 -29.29
C PRO A 17 38.66 4.74 -27.88
N LEU A 18 38.95 5.62 -26.91
CA LEU A 18 39.18 5.20 -25.52
C LEU A 18 37.90 4.73 -24.81
N HIS A 19 36.73 5.20 -25.24
CA HIS A 19 35.47 4.75 -24.63
C HIS A 19 35.23 3.32 -25.10
N VAL A 20 35.42 3.09 -26.40
CA VAL A 20 35.23 1.77 -27.00
C VAL A 20 36.26 0.81 -26.38
N ALA A 21 37.48 1.29 -26.23
CA ALA A 21 38.55 0.49 -25.67
C ALA A 21 38.18 -0.01 -24.28
N SER A 22 37.97 0.92 -23.35
CA SER A 22 37.61 0.57 -21.97
C SER A 22 36.46 -0.46 -21.83
N PHE A 23 35.34 -0.16 -22.49
CA PHE A 23 34.13 -0.98 -22.49
C PHE A 23 34.35 -2.40 -23.06
N MET A 24 35.21 -2.50 -24.06
CA MET A 24 35.51 -3.78 -24.71
C MET A 24 36.49 -4.61 -23.89
N GLY A 25 37.20 -3.92 -23.00
CA GLY A 25 38.17 -4.61 -22.17
C GLY A 25 39.42 -4.90 -22.97
N HIS A 26 39.94 -3.89 -23.65
CA HIS A 26 41.14 -4.05 -24.45
C HIS A 26 42.31 -3.38 -23.73
N LEU A 27 42.79 -4.02 -22.67
CA LEU A 27 43.92 -3.47 -21.93
C LEU A 27 45.06 -3.06 -22.88
N PRO A 28 45.34 -3.89 -23.92
CA PRO A 28 46.41 -3.57 -24.88
C PRO A 28 46.31 -2.11 -25.33
N ILE A 29 45.27 -1.85 -26.13
CA ILE A 29 44.95 -0.54 -26.72
C ILE A 29 44.86 0.62 -25.73
N VAL A 30 44.09 0.42 -24.66
CA VAL A 30 43.92 1.44 -23.61
C VAL A 30 45.28 1.91 -23.13
N LYS A 31 46.22 0.98 -22.99
CA LYS A 31 47.57 1.34 -22.55
C LYS A 31 48.14 2.27 -23.64
N ASN A 32 48.07 1.80 -24.88
CA ASN A 32 48.57 2.56 -26.01
C ASN A 32 48.00 3.97 -26.08
N LEU A 33 46.69 4.07 -26.24
CA LEU A 33 46.02 5.36 -26.35
C LEU A 33 46.39 6.34 -25.25
N LEU A 34 46.58 5.83 -24.03
CA LEU A 34 46.94 6.66 -22.88
C LEU A 34 48.39 7.09 -22.93
N GLN A 35 49.25 6.25 -23.52
CA GLN A 35 50.67 6.55 -23.65
C GLN A 35 50.79 7.63 -24.72
N ARG A 36 50.12 7.40 -25.86
CA ARG A 36 50.12 8.32 -26.99
C ARG A 36 49.42 9.66 -26.74
N GLY A 37 49.34 10.07 -25.47
CA GLY A 37 48.73 11.34 -25.11
C GLY A 37 47.23 11.44 -24.83
N ALA A 38 46.46 10.37 -25.04
CA ALA A 38 45.02 10.39 -24.80
C ALA A 38 44.72 10.52 -23.31
N SER A 39 43.70 11.32 -22.97
CA SER A 39 43.32 11.50 -21.58
C SER A 39 42.02 10.75 -21.28
N PRO A 40 41.84 10.35 -20.01
CA PRO A 40 40.68 9.61 -19.49
C PRO A 40 39.35 10.35 -19.61
N ASN A 41 39.35 11.61 -19.19
CA ASN A 41 38.16 12.47 -19.23
C ASN A 41 38.31 13.58 -20.26
N VAL A 42 37.78 13.33 -21.45
CA VAL A 42 37.84 14.25 -22.56
C VAL A 42 36.96 15.50 -22.39
N SER A 43 35.70 15.42 -22.85
CA SER A 43 34.76 16.54 -22.76
C SER A 43 34.43 16.96 -21.32
N ASN A 44 34.39 18.27 -21.09
CA ASN A 44 34.08 18.86 -19.79
C ASN A 44 32.57 19.05 -19.54
N VAL A 45 31.75 18.15 -20.08
CA VAL A 45 30.30 18.22 -19.90
C VAL A 45 29.91 17.20 -18.83
N LYS A 46 29.00 16.29 -19.17
CA LYS A 46 28.55 15.25 -18.25
C LYS A 46 28.06 14.04 -19.03
N VAL A 47 28.98 13.31 -19.66
CA VAL A 47 28.57 12.11 -20.38
C VAL A 47 29.33 10.98 -19.69
N GLU A 48 28.92 9.72 -19.92
CA GLU A 48 29.60 8.60 -19.30
C GLU A 48 31.01 8.48 -19.85
N THR A 49 32.00 8.48 -18.95
CA THR A 49 33.41 8.40 -19.33
C THR A 49 33.91 6.98 -19.62
N PRO A 50 35.17 6.84 -20.09
CA PRO A 50 35.67 5.50 -20.36
C PRO A 50 35.70 4.70 -19.05
N LEU A 51 35.82 5.40 -17.92
CA LEU A 51 35.84 4.75 -16.61
C LEU A 51 34.46 4.17 -16.29
N HIS A 52 33.39 4.92 -16.56
CA HIS A 52 32.02 4.43 -16.32
C HIS A 52 31.91 3.15 -17.16
N MET A 53 32.29 3.27 -18.43
CA MET A 53 32.27 2.17 -19.38
C MET A 53 33.09 1.00 -18.82
N ALA A 54 34.21 1.35 -18.19
CA ALA A 54 35.08 0.38 -17.57
C ALA A 54 34.25 -0.33 -16.52
N ALA A 55 33.80 0.42 -15.52
CA ALA A 55 33.00 -0.13 -14.43
C ALA A 55 31.91 -1.12 -14.87
N ARG A 56 30.96 -0.66 -15.69
CA ARG A 56 29.87 -1.54 -16.13
C ARG A 56 30.35 -2.91 -16.58
N ALA A 57 31.23 -2.91 -17.58
CA ALA A 57 31.77 -4.15 -18.12
C ALA A 57 32.57 -4.94 -17.08
N GLY A 58 32.90 -4.31 -15.97
CA GLY A 58 33.66 -4.98 -14.93
C GLY A 58 35.12 -5.16 -15.30
N HIS A 59 35.57 -4.43 -16.32
CA HIS A 59 36.96 -4.53 -16.76
C HIS A 59 37.90 -3.83 -15.80
N THR A 60 38.27 -4.55 -14.73
CA THR A 60 39.14 -4.05 -13.67
C THR A 60 40.49 -3.41 -14.03
N GLU A 61 41.34 -4.19 -14.70
N GLU A 61 41.37 -4.17 -14.67
CA GLU A 61 42.66 -3.73 -15.11
CA GLU A 61 42.69 -3.63 -15.02
C GLU A 61 42.56 -2.43 -15.90
C GLU A 61 42.57 -2.39 -15.90
N VAL A 62 41.57 -2.37 -16.78
CA VAL A 62 41.34 -1.20 -17.63
C VAL A 62 41.14 0.03 -16.74
N ALA A 63 40.39 -0.18 -15.66
CA ALA A 63 40.10 0.86 -14.67
C ALA A 63 41.28 1.02 -13.70
N LYS A 64 41.96 -0.09 -13.42
CA LYS A 64 43.13 -0.04 -12.54
C LYS A 64 44.17 0.79 -13.26
N TYR A 65 43.91 1.05 -14.54
CA TYR A 65 44.78 1.84 -15.38
C TYR A 65 44.30 3.27 -15.47
N LEU A 66 43.10 3.44 -16.03
CA LEU A 66 42.52 4.76 -16.18
C LEU A 66 42.67 5.55 -14.91
N LEU A 67 42.63 4.85 -13.77
CA LEU A 67 42.77 5.50 -12.47
C LEU A 67 44.21 5.92 -12.23
N GLN A 68 45.12 5.13 -12.78
CA GLN A 68 46.55 5.43 -12.66
C GLN A 68 46.75 6.79 -13.32
N ASN A 69 46.25 6.90 -14.54
CA ASN A 69 46.36 8.09 -15.39
C ASN A 69 45.82 9.41 -14.84
N LYS A 70 44.54 9.44 -14.51
CA LYS A 70 43.92 10.63 -13.93
C LYS A 70 42.42 10.58 -14.13
N ALA A 71 41.92 9.39 -14.49
CA ALA A 71 40.49 9.21 -14.71
C ALA A 71 39.77 9.71 -13.46
N LYS A 72 38.71 10.47 -13.68
CA LYS A 72 37.95 11.01 -12.58
C LYS A 72 37.01 9.91 -12.11
N VAL A 73 36.99 9.65 -10.82
CA VAL A 73 36.16 8.60 -10.24
C VAL A 73 34.76 9.06 -9.85
N ASN A 74 34.61 10.36 -9.60
CA ASN A 74 33.34 10.94 -9.22
C ASN A 74 32.75 11.72 -10.40
N ALA A 75 33.24 11.39 -11.60
CA ALA A 75 32.80 12.00 -12.85
C ALA A 75 31.34 11.58 -13.00
N LYS A 76 30.48 12.55 -13.31
CA LYS A 76 29.05 12.28 -13.44
C LYS A 76 28.54 12.13 -14.87
N ALA A 77 27.61 11.19 -15.07
CA ALA A 77 27.01 10.95 -16.38
C ALA A 77 25.73 11.78 -16.55
N LYS A 78 24.96 11.51 -17.60
CA LYS A 78 23.72 12.23 -17.85
C LYS A 78 22.88 12.27 -16.57
N ASP A 79 22.39 11.09 -16.18
CA ASP A 79 21.56 10.89 -14.99
C ASP A 79 22.26 11.24 -13.67
N ASP A 80 23.49 11.73 -13.76
CA ASP A 80 24.29 12.08 -12.58
C ASP A 80 24.85 10.85 -11.85
N GLN A 81 24.72 9.68 -12.47
CA GLN A 81 25.24 8.47 -11.86
C GLN A 81 26.76 8.39 -12.08
N THR A 82 27.50 8.00 -11.03
CA THR A 82 28.96 7.91 -11.08
C THR A 82 29.43 6.49 -11.44
N PRO A 83 30.72 6.33 -11.83
CA PRO A 83 31.28 5.02 -12.19
C PRO A 83 30.97 4.00 -11.10
N LEU A 84 31.14 4.45 -9.84
CA LEU A 84 30.86 3.62 -8.68
C LEU A 84 29.42 3.10 -8.71
N HIS A 85 28.48 3.93 -9.18
CA HIS A 85 27.07 3.54 -9.28
C HIS A 85 26.88 2.36 -10.22
N CYS A 86 27.71 2.29 -11.27
CA CYS A 86 27.63 1.21 -12.26
C CYS A 86 28.22 -0.06 -11.64
N ALA A 87 29.43 0.09 -11.12
CA ALA A 87 30.13 -1.00 -10.47
C ALA A 87 29.13 -1.71 -9.55
N ALA A 88 28.40 -0.92 -8.78
CA ALA A 88 27.41 -1.43 -7.85
C ALA A 88 26.30 -2.26 -8.49
N ARG A 89 25.54 -1.63 -9.40
N ARG A 89 25.52 -1.64 -9.39
CA ARG A 89 24.43 -2.27 -10.11
CA ARG A 89 24.41 -2.32 -10.07
C ARG A 89 24.78 -3.68 -10.56
C ARG A 89 24.80 -3.71 -10.52
N ILE A 90 25.99 -3.81 -11.12
CA ILE A 90 26.51 -5.07 -11.61
C ILE A 90 26.72 -6.08 -10.49
N GLY A 91 27.20 -5.61 -9.36
CA GLY A 91 27.44 -6.49 -8.24
C GLY A 91 28.84 -7.03 -8.39
N HIS A 92 29.76 -6.12 -8.72
CA HIS A 92 31.17 -6.46 -8.91
C HIS A 92 32.00 -5.90 -7.75
N THR A 93 31.93 -6.57 -6.59
CA THR A 93 32.64 -6.14 -5.37
C THR A 93 34.04 -5.56 -5.55
N ASN A 94 34.82 -6.15 -6.46
CA ASN A 94 36.18 -5.69 -6.67
C ASN A 94 36.25 -4.41 -7.47
N MET A 95 35.43 -4.29 -8.51
CA MET A 95 35.41 -3.06 -9.27
C MET A 95 35.06 -1.93 -8.29
N VAL A 96 34.32 -2.31 -7.23
CA VAL A 96 33.87 -1.41 -6.16
C VAL A 96 34.98 -1.20 -5.12
N LYS A 97 35.52 -2.29 -4.61
CA LYS A 97 36.58 -2.17 -3.62
C LYS A 97 37.71 -1.34 -4.24
N LEU A 98 37.75 -1.29 -5.58
CA LEU A 98 38.78 -0.53 -6.29
C LEU A 98 38.38 0.95 -6.40
N LEU A 99 37.20 1.20 -6.95
CA LEU A 99 36.72 2.58 -7.12
C LEU A 99 36.79 3.30 -5.80
N LEU A 100 36.47 2.55 -4.75
CA LEU A 100 36.51 3.06 -3.39
C LEU A 100 37.97 3.25 -3.00
N GLU A 101 38.72 2.16 -3.13
CA GLU A 101 40.13 2.16 -2.80
C GLU A 101 40.78 3.43 -3.30
N ASN A 102 40.34 3.88 -4.48
CA ASN A 102 40.86 5.11 -5.06
C ASN A 102 40.20 6.30 -4.41
N ASN A 103 38.94 6.56 -4.72
CA ASN A 103 38.30 7.67 -4.03
C ASN A 103 36.87 8.00 -4.40
N ALA A 104 36.16 7.01 -4.92
CA ALA A 104 34.77 7.22 -5.29
C ALA A 104 33.97 7.57 -4.05
N ASN A 105 33.19 8.64 -4.14
CA ASN A 105 32.32 9.08 -3.05
C ASN A 105 31.07 8.20 -3.22
N PRO A 106 30.71 7.44 -2.17
CA PRO A 106 29.57 6.52 -2.11
C PRO A 106 28.22 7.15 -1.79
N ASN A 107 28.23 8.45 -1.53
CA ASN A 107 26.99 9.12 -1.18
C ASN A 107 26.49 10.10 -2.22
N LEU A 108 27.10 10.07 -3.40
CA LEU A 108 26.69 10.92 -4.52
C LEU A 108 25.40 10.34 -5.06
N ALA A 109 24.39 11.20 -5.18
CA ALA A 109 23.09 10.75 -5.65
C ALA A 109 22.87 10.91 -7.16
N THR A 110 21.86 10.20 -7.64
CA THR A 110 21.43 10.23 -9.03
C THR A 110 20.35 11.33 -9.02
N THR A 111 19.87 11.73 -10.20
CA THR A 111 18.83 12.74 -10.25
C THR A 111 17.58 12.29 -9.47
N ALA A 112 17.54 11.00 -9.14
CA ALA A 112 16.41 10.43 -8.41
C ALA A 112 16.77 10.31 -6.92
N GLY A 113 18.06 10.38 -6.61
CA GLY A 113 18.52 10.25 -5.23
C GLY A 113 19.18 8.91 -4.87
N HIS A 114 19.29 8.01 -5.85
CA HIS A 114 19.91 6.71 -5.61
C HIS A 114 21.41 6.82 -5.41
N THR A 115 21.91 6.06 -4.43
CA THR A 115 23.33 6.00 -4.13
C THR A 115 23.77 4.55 -4.49
N PRO A 116 25.08 4.33 -4.70
CA PRO A 116 25.53 2.97 -5.05
C PRO A 116 24.88 1.96 -4.13
N LEU A 117 24.73 2.37 -2.88
CA LEU A 117 24.16 1.54 -1.81
C LEU A 117 22.71 1.05 -2.06
N HIS A 118 21.82 1.94 -2.54
CA HIS A 118 20.45 1.53 -2.82
C HIS A 118 20.48 0.51 -3.93
N ILE A 119 21.26 0.82 -4.97
CA ILE A 119 21.37 -0.07 -6.13
C ILE A 119 21.81 -1.45 -5.66
N ALA A 120 22.94 -1.50 -4.95
CA ALA A 120 23.44 -2.77 -4.44
C ALA A 120 22.29 -3.44 -3.70
N ALA A 121 21.61 -2.62 -2.91
CA ALA A 121 20.48 -3.09 -2.12
C ALA A 121 19.45 -3.82 -2.96
N ARG A 122 19.00 -3.18 -4.03
CA ARG A 122 17.98 -3.77 -4.92
C ARG A 122 18.36 -5.13 -5.53
N GLU A 123 19.56 -5.22 -6.08
CA GLU A 123 19.99 -6.46 -6.69
C GLU A 123 20.25 -7.49 -5.60
N GLY A 124 20.42 -7.05 -4.38
CA GLY A 124 20.68 -7.98 -3.30
C GLY A 124 22.15 -8.38 -3.25
N HIS A 125 23.00 -7.52 -3.79
CA HIS A 125 24.42 -7.79 -3.80
C HIS A 125 25.00 -7.61 -2.40
N VAL A 126 24.85 -8.65 -1.58
CA VAL A 126 25.33 -8.61 -0.21
C VAL A 126 26.76 -8.12 -0.05
N GLU A 127 27.71 -8.85 -0.63
CA GLU A 127 29.12 -8.48 -0.52
C GLU A 127 29.40 -7.01 -0.90
N THR A 128 28.87 -6.59 -2.05
CA THR A 128 29.04 -5.21 -2.51
C THR A 128 28.56 -4.20 -1.47
N VAL A 129 27.41 -4.51 -0.84
CA VAL A 129 26.86 -3.63 0.19
C VAL A 129 27.86 -3.55 1.35
N LEU A 130 28.29 -4.72 1.82
CA LEU A 130 29.24 -4.78 2.93
C LEU A 130 30.42 -3.88 2.60
N ALA A 131 30.97 -4.10 1.39
CA ALA A 131 32.11 -3.32 0.91
C ALA A 131 31.79 -1.83 0.92
N LEU A 132 30.54 -1.49 0.62
CA LEU A 132 30.14 -0.10 0.60
C LEU A 132 30.00 0.48 1.99
N LEU A 133 29.47 -0.33 2.92
CA LEU A 133 29.28 0.13 4.30
C LEU A 133 30.65 0.37 4.95
N GLU A 134 31.53 -0.62 4.84
CA GLU A 134 32.88 -0.50 5.39
C GLU A 134 33.47 0.88 5.10
N LYS A 135 33.12 1.45 3.94
CA LYS A 135 33.69 2.74 3.54
C LYS A 135 32.81 3.99 3.62
N GLU A 136 32.24 4.27 4.79
CA GLU A 136 31.40 5.47 4.98
C GLU A 136 30.14 5.58 4.12
N ALA A 137 29.84 4.56 3.33
CA ALA A 137 28.64 4.62 2.52
C ALA A 137 27.49 4.86 3.50
N SER A 138 26.87 6.04 3.42
CA SER A 138 25.76 6.39 4.31
C SER A 138 24.44 5.72 3.99
N GLN A 139 23.85 5.17 5.05
CA GLN A 139 22.60 4.45 4.99
C GLN A 139 21.39 5.35 5.26
N ALA A 140 21.64 6.65 5.44
CA ALA A 140 20.57 7.61 5.68
C ALA A 140 20.14 8.25 4.35
N CYS A 141 20.96 8.04 3.32
CA CYS A 141 20.73 8.54 1.98
C CYS A 141 19.33 8.20 1.49
N MET A 142 18.57 9.22 1.09
CA MET A 142 17.22 8.99 0.59
C MET A 142 16.95 9.30 -0.87
N THR A 143 16.05 8.50 -1.44
CA THR A 143 15.59 8.64 -2.81
C THR A 143 14.61 9.80 -2.76
N LYS A 144 14.06 10.20 -3.90
CA LYS A 144 13.08 11.29 -3.88
C LYS A 144 11.73 10.63 -3.59
N LYS A 145 11.68 9.30 -3.77
CA LYS A 145 10.47 8.51 -3.49
C LYS A 145 10.36 8.33 -1.98
N GLY A 146 11.39 8.77 -1.25
CA GLY A 146 11.41 8.67 0.20
C GLY A 146 11.93 7.33 0.72
N PHE A 147 12.93 6.77 0.04
CA PHE A 147 13.51 5.48 0.43
C PHE A 147 14.94 5.54 0.95
N THR A 148 15.32 4.46 1.62
CA THR A 148 16.65 4.29 2.20
C THR A 148 17.02 2.86 1.81
N PRO A 149 18.31 2.54 1.82
CA PRO A 149 18.72 1.17 1.47
C PRO A 149 17.86 0.11 2.15
N LEU A 150 17.45 0.33 3.40
CA LEU A 150 16.62 -0.65 4.10
C LEU A 150 15.26 -0.74 3.42
N HIS A 151 14.68 0.40 3.04
CA HIS A 151 13.38 0.39 2.37
C HIS A 151 13.50 -0.48 1.11
N VAL A 152 14.48 -0.17 0.27
CA VAL A 152 14.73 -0.93 -0.94
C VAL A 152 14.85 -2.41 -0.55
N ALA A 153 15.69 -2.69 0.45
CA ALA A 153 15.87 -4.04 0.92
C ALA A 153 14.53 -4.72 1.09
N ALA A 154 13.65 -4.07 1.84
CA ALA A 154 12.33 -4.62 2.11
C ALA A 154 11.45 -4.81 0.88
N LYS A 155 11.42 -3.83 -0.02
CA LYS A 155 10.62 -3.92 -1.26
C LYS A 155 10.91 -5.17 -2.09
N TYR A 156 12.17 -5.35 -2.44
CA TYR A 156 12.60 -6.51 -3.22
C TYR A 156 12.99 -7.66 -2.29
N GLY A 157 12.34 -7.70 -1.13
CA GLY A 157 12.60 -8.73 -0.14
C GLY A 157 13.99 -9.33 0.01
N LYS A 158 15.02 -8.50 -0.06
CA LYS A 158 16.39 -8.97 0.08
C LYS A 158 16.78 -9.09 1.55
N VAL A 159 16.44 -10.24 2.15
CA VAL A 159 16.70 -10.50 3.57
C VAL A 159 18.08 -10.33 4.20
N ARG A 160 19.13 -10.93 3.65
CA ARG A 160 20.42 -10.74 4.33
C ARG A 160 21.03 -9.35 4.09
N VAL A 161 20.44 -8.59 3.15
CA VAL A 161 20.92 -7.23 2.96
C VAL A 161 20.33 -6.53 4.18
N ALA A 162 19.04 -6.80 4.43
CA ALA A 162 18.33 -6.24 5.58
C ALA A 162 19.10 -6.46 6.88
N GLU A 163 19.53 -7.70 7.16
CA GLU A 163 20.27 -7.97 8.38
C GLU A 163 21.48 -7.08 8.42
N LEU A 164 22.43 -7.38 7.55
CA LEU A 164 23.65 -6.61 7.48
C LEU A 164 23.38 -5.11 7.65
N LEU A 165 22.38 -4.60 6.94
CA LEU A 165 22.08 -3.19 7.04
C LEU A 165 21.69 -2.77 8.46
N LEU A 166 20.92 -3.61 9.14
CA LEU A 166 20.47 -3.32 10.51
C LEU A 166 21.56 -3.51 11.57
N GLU A 167 22.35 -4.57 11.41
CA GLU A 167 23.43 -4.86 12.35
C GLU A 167 24.36 -3.67 12.41
N ARG A 168 24.19 -2.75 11.47
CA ARG A 168 25.05 -1.58 11.37
C ARG A 168 24.32 -0.23 11.29
N ASP A 169 23.67 0.11 12.40
CA ASP A 169 22.91 1.37 12.59
C ASP A 169 21.86 1.89 11.59
N ALA A 170 21.24 1.01 10.83
CA ALA A 170 20.21 1.44 9.92
C ALA A 170 19.12 2.05 10.79
N HIS A 171 18.33 2.98 10.26
CA HIS A 171 17.24 3.61 11.03
C HIS A 171 15.99 2.75 10.86
N PRO A 172 15.69 1.88 11.84
CA PRO A 172 14.53 0.99 11.82
C PRO A 172 13.33 1.57 11.14
N ASN A 173 13.07 2.85 11.30
CA ASN A 173 11.91 3.38 10.62
C ASN A 173 11.93 4.86 10.22
N ALA A 174 12.93 5.14 9.38
CA ALA A 174 13.16 6.43 8.80
C ALA A 174 12.15 6.50 7.69
N ALA A 175 11.63 7.68 7.41
CA ALA A 175 10.64 7.81 6.36
C ALA A 175 10.69 9.13 5.62
N GLY A 176 10.21 9.07 4.38
CA GLY A 176 10.18 10.26 3.56
C GLY A 176 9.07 11.19 4.01
N LYS A 177 8.40 11.81 3.04
CA LYS A 177 7.31 12.76 3.26
C LYS A 177 5.99 12.01 3.27
N ASN A 178 6.01 10.79 2.77
CA ASN A 178 4.81 9.97 2.74
C ASN A 178 4.65 9.25 4.06
N GLY A 179 5.75 9.13 4.80
CA GLY A 179 5.70 8.47 6.08
C GLY A 179 5.85 6.96 6.02
N LEU A 180 6.09 6.43 4.83
CA LEU A 180 6.25 5.00 4.70
C LEU A 180 7.56 4.57 5.33
N THR A 181 7.45 3.70 6.33
CA THR A 181 8.62 3.19 7.02
C THR A 181 8.97 1.84 6.42
N PRO A 182 10.21 1.38 6.58
CA PRO A 182 10.65 0.09 6.04
C PRO A 182 9.66 -1.02 6.39
N LEU A 183 9.09 -0.93 7.58
CA LEU A 183 8.11 -1.90 8.04
C LEU A 183 6.84 -1.83 7.18
N HIS A 184 6.50 -0.61 6.75
CA HIS A 184 5.32 -0.34 5.90
C HIS A 184 5.49 -1.01 4.55
N VAL A 185 6.65 -0.79 3.95
CA VAL A 185 7.00 -1.37 2.68
C VAL A 185 6.97 -2.88 2.82
N ALA A 186 7.78 -3.39 3.74
CA ALA A 186 7.87 -4.82 3.99
C ALA A 186 6.52 -5.54 4.05
N VAL A 187 5.57 -4.98 4.78
CA VAL A 187 4.27 -5.63 4.90
C VAL A 187 3.53 -5.58 3.56
N HIS A 188 3.61 -4.42 2.92
CA HIS A 188 2.96 -4.17 1.64
C HIS A 188 3.35 -5.22 0.60
N HIS A 189 4.64 -5.50 0.46
CA HIS A 189 5.10 -6.50 -0.50
C HIS A 189 5.29 -7.80 0.23
N ASN A 190 4.30 -8.14 1.07
CA ASN A 190 4.32 -9.36 1.89
C ASN A 190 5.69 -10.01 1.98
N ASN A 191 6.45 -9.61 2.99
CA ASN A 191 7.78 -10.13 3.23
C ASN A 191 8.00 -10.45 4.70
N LEU A 192 7.27 -11.45 5.22
CA LEU A 192 7.41 -11.77 6.64
C LEU A 192 8.86 -11.82 7.10
N ASP A 193 9.71 -12.47 6.32
CA ASP A 193 11.13 -12.56 6.64
C ASP A 193 11.66 -11.21 7.18
N ILE A 194 11.41 -10.10 6.45
CA ILE A 194 11.88 -8.77 6.85
C ILE A 194 11.14 -8.20 8.08
N VAL A 195 9.82 -8.38 8.13
CA VAL A 195 9.03 -7.91 9.27
C VAL A 195 9.50 -8.48 10.60
N LYS A 196 9.52 -9.81 10.70
CA LYS A 196 9.95 -10.53 11.90
C LYS A 196 11.38 -10.15 12.26
N LEU A 197 12.07 -9.58 11.28
CA LEU A 197 13.44 -9.14 11.45
C LEU A 197 13.51 -7.66 11.92
N LEU A 198 12.58 -6.84 11.43
CA LEU A 198 12.56 -5.42 11.81
C LEU A 198 12.12 -5.14 13.25
N LEU A 199 10.94 -5.62 13.65
CA LEU A 199 10.42 -5.41 15.00
C LEU A 199 11.49 -5.45 16.10
N PRO A 200 12.20 -6.59 16.25
CA PRO A 200 13.20 -6.60 17.32
C PRO A 200 14.14 -5.41 17.24
N ARG A 201 14.57 -5.03 16.04
N ARG A 201 14.55 -5.01 16.05
CA ARG A 201 15.47 -3.90 15.90
CA ARG A 201 15.45 -3.86 15.91
C ARG A 201 14.73 -2.55 16.07
C ARG A 201 14.73 -2.53 16.12
N GLY A 202 13.45 -2.61 16.47
CA GLY A 202 12.69 -1.38 16.70
C GLY A 202 11.73 -0.82 15.66
N GLY A 203 11.49 -1.55 14.57
CA GLY A 203 10.56 -1.05 13.57
C GLY A 203 9.25 -0.83 14.30
N SER A 204 8.69 0.38 14.24
CA SER A 204 7.47 0.58 15.00
C SER A 204 6.21 0.15 14.33
N PRO A 205 5.32 -0.50 15.08
CA PRO A 205 4.05 -0.94 14.52
C PRO A 205 3.08 0.22 14.50
N HIS A 206 3.47 1.35 15.09
CA HIS A 206 2.53 2.47 15.12
C HIS A 206 2.72 3.55 14.06
N SER A 207 3.91 3.59 13.45
CA SER A 207 4.23 4.56 12.40
C SER A 207 3.10 4.85 11.42
N PRO A 208 2.52 6.05 11.49
CA PRO A 208 1.43 6.42 10.59
C PRO A 208 1.95 6.88 9.23
N ALA A 209 1.29 6.44 8.16
CA ALA A 209 1.70 6.83 6.81
C ALA A 209 1.07 8.20 6.54
N TRP A 210 1.02 8.59 5.26
CA TRP A 210 0.47 9.89 4.86
C TRP A 210 -1.04 9.94 5.07
N ASN A 211 -1.65 8.77 5.12
CA ASN A 211 -3.10 8.66 5.32
C ASN A 211 -3.39 8.14 6.72
N GLY A 212 -2.33 7.95 7.51
CA GLY A 212 -2.49 7.44 8.87
C GLY A 212 -2.53 5.92 8.92
N TYR A 213 -2.20 5.26 7.81
CA TYR A 213 -2.19 3.82 7.76
C TYR A 213 -1.01 3.27 8.52
N THR A 214 -1.27 2.34 9.42
CA THR A 214 -0.20 1.70 10.20
C THR A 214 -0.06 0.31 9.62
N PRO A 215 1.17 -0.20 9.51
CA PRO A 215 1.47 -1.53 8.98
C PRO A 215 0.37 -2.58 9.19
N LEU A 216 -0.26 -2.58 10.35
CA LEU A 216 -1.33 -3.55 10.59
C LEU A 216 -2.53 -3.29 9.65
N HIS A 217 -2.77 -2.03 9.27
CA HIS A 217 -3.87 -1.72 8.34
C HIS A 217 -3.59 -2.52 7.08
N ILE A 218 -2.37 -2.38 6.58
CA ILE A 218 -1.96 -3.09 5.40
C ILE A 218 -2.22 -4.59 5.56
N ALA A 219 -1.41 -5.26 6.37
CA ALA A 219 -1.58 -6.70 6.57
C ALA A 219 -3.04 -7.09 6.73
N ALA A 220 -3.79 -6.27 7.45
CA ALA A 220 -5.20 -6.58 7.66
C ALA A 220 -5.92 -6.63 6.33
N LYS A 221 -5.78 -5.56 5.54
CA LYS A 221 -6.44 -5.47 4.25
C LYS A 221 -6.04 -6.61 3.33
N GLN A 222 -4.74 -6.79 3.12
CA GLN A 222 -4.26 -7.85 2.25
C GLN A 222 -4.38 -9.23 2.90
N ASN A 223 -5.23 -9.34 3.90
CA ASN A 223 -5.39 -10.62 4.60
C ASN A 223 -4.10 -11.40 4.87
N GLN A 224 -3.17 -10.82 5.63
CA GLN A 224 -1.91 -11.50 5.95
C GLN A 224 -1.88 -11.88 7.44
N VAL A 225 -2.66 -12.88 7.84
CA VAL A 225 -2.71 -13.32 9.23
C VAL A 225 -1.33 -13.49 9.88
N GLU A 226 -0.42 -14.14 9.17
CA GLU A 226 0.93 -14.36 9.68
C GLU A 226 1.57 -13.06 10.19
N VAL A 227 1.64 -12.07 9.29
CA VAL A 227 2.22 -10.77 9.61
C VAL A 227 1.38 -10.07 10.67
N ALA A 228 0.06 -10.16 10.53
CA ALA A 228 -0.82 -9.53 11.50
C ALA A 228 -0.49 -9.97 12.93
N ARG A 229 -0.38 -11.28 13.12
CA ARG A 229 -0.07 -11.83 14.43
C ARG A 229 1.13 -11.19 15.03
N SER A 230 2.21 -11.13 14.25
CA SER A 230 3.45 -10.52 14.72
C SER A 230 3.21 -9.09 15.12
N LEU A 231 2.72 -8.28 14.18
CA LEU A 231 2.45 -6.89 14.46
C LEU A 231 1.72 -6.74 15.79
N LEU A 232 0.62 -7.48 15.96
CA LEU A 232 -0.13 -7.39 17.21
C LEU A 232 0.83 -7.75 18.34
N GLN A 233 1.39 -8.95 18.31
CA GLN A 233 2.35 -9.38 19.32
C GLN A 233 3.22 -8.28 19.92
N TYR A 234 3.78 -7.45 19.02
CA TYR A 234 4.66 -6.35 19.43
C TYR A 234 3.94 -5.07 19.81
N GLY A 235 2.63 -5.15 20.05
CA GLY A 235 1.91 -3.96 20.48
C GLY A 235 1.03 -3.16 19.53
N GLY A 236 1.12 -3.42 18.22
CA GLY A 236 0.31 -2.66 17.28
C GLY A 236 -1.16 -2.63 17.64
N SER A 237 -1.84 -1.50 17.47
CA SER A 237 -3.26 -1.46 17.82
C SER A 237 -4.15 -1.79 16.64
N ALA A 238 -5.23 -2.50 16.92
CA ALA A 238 -6.20 -2.88 15.90
C ALA A 238 -7.27 -1.78 15.81
N ASN A 239 -7.06 -0.69 16.52
CA ASN A 239 -7.99 0.43 16.50
C ASN A 239 -7.32 1.73 16.06
N ALA A 240 -6.14 1.59 15.43
CA ALA A 240 -5.41 2.73 14.92
C ALA A 240 -6.26 3.33 13.80
N GLU A 241 -6.41 4.66 13.80
CA GLU A 241 -7.24 5.30 12.78
C GLU A 241 -6.54 6.01 11.60
N SER A 242 -7.03 5.73 10.39
CA SER A 242 -6.51 6.38 9.19
C SER A 242 -7.11 7.79 9.32
N VAL A 243 -6.77 8.70 8.42
CA VAL A 243 -7.30 10.05 8.55
C VAL A 243 -8.81 10.07 8.41
N GLN A 244 -9.29 9.00 7.81
CA GLN A 244 -10.71 8.77 7.58
C GLN A 244 -11.35 8.24 8.87
N GLY A 245 -10.52 7.75 9.79
CA GLY A 245 -11.04 7.18 11.02
C GLY A 245 -11.33 5.73 10.76
N VAL A 246 -10.57 5.14 9.83
CA VAL A 246 -10.72 3.73 9.43
C VAL A 246 -9.68 2.81 10.11
N THR A 247 -10.18 1.77 10.78
CA THR A 247 -9.32 0.82 11.51
C THR A 247 -8.94 -0.38 10.64
N PRO A 248 -7.95 -1.18 11.08
CA PRO A 248 -7.55 -2.36 10.30
C PRO A 248 -8.71 -3.33 10.25
N LEU A 249 -9.53 -3.32 11.31
CA LEU A 249 -10.71 -4.18 11.36
C LEU A 249 -11.59 -3.79 10.18
N HIS A 250 -11.84 -2.49 9.99
CA HIS A 250 -12.65 -2.03 8.85
C HIS A 250 -12.14 -2.66 7.55
N LEU A 251 -10.87 -2.41 7.24
CA LEU A 251 -10.31 -2.95 6.02
C LEU A 251 -10.58 -4.44 5.99
N ALA A 252 -9.99 -5.20 6.91
CA ALA A 252 -10.20 -6.65 6.90
C ALA A 252 -11.65 -7.09 6.69
N ALA A 253 -12.59 -6.44 7.34
CA ALA A 253 -13.99 -6.82 7.18
C ALA A 253 -14.45 -6.52 5.76
N GLN A 254 -14.18 -5.30 5.30
CA GLN A 254 -14.56 -4.88 3.97
C GLN A 254 -14.07 -5.77 2.84
N GLU A 255 -12.91 -6.41 3.00
CA GLU A 255 -12.40 -7.29 1.95
C GLU A 255 -12.85 -8.72 2.21
N GLY A 256 -13.81 -8.89 3.10
CA GLY A 256 -14.31 -10.22 3.41
C GLY A 256 -13.35 -11.23 4.03
N HIS A 257 -12.22 -10.77 4.56
CA HIS A 257 -11.25 -11.68 5.18
C HIS A 257 -11.70 -12.11 6.58
N ALA A 258 -12.51 -13.15 6.65
CA ALA A 258 -13.02 -13.61 7.92
C ALA A 258 -12.00 -14.04 9.01
N GLU A 259 -11.05 -14.91 8.68
CA GLU A 259 -10.10 -15.36 9.70
C GLU A 259 -9.42 -14.19 10.36
N MET A 260 -9.07 -13.17 9.58
CA MET A 260 -8.43 -11.99 10.15
C MET A 260 -9.40 -11.24 11.07
N VAL A 261 -10.61 -10.95 10.56
CA VAL A 261 -11.59 -10.24 11.36
C VAL A 261 -11.79 -10.93 12.70
N ALA A 262 -11.49 -12.22 12.75
CA ALA A 262 -11.60 -12.98 13.99
C ALA A 262 -10.38 -12.64 14.85
N LEU A 263 -9.20 -12.83 14.26
CA LEU A 263 -7.95 -12.54 14.95
C LEU A 263 -8.02 -11.15 15.59
N LEU A 264 -8.30 -10.12 14.78
CA LEU A 264 -8.39 -8.75 15.27
C LEU A 264 -9.35 -8.59 16.45
N LEU A 265 -10.59 -9.03 16.27
CA LEU A 265 -11.59 -8.91 17.36
C LEU A 265 -11.05 -9.48 18.67
N SER A 266 -10.40 -10.64 18.56
CA SER A 266 -9.85 -11.33 19.71
C SER A 266 -8.66 -10.59 20.29
N LYS A 267 -8.40 -9.38 19.79
CA LYS A 267 -7.30 -8.57 20.29
C LYS A 267 -7.72 -7.13 20.55
N GLN A 268 -8.85 -7.01 21.25
CA GLN A 268 -9.40 -5.73 21.65
C GLN A 268 -9.85 -4.80 20.51
N ALA A 269 -9.88 -5.35 19.30
CA ALA A 269 -10.34 -4.58 18.15
C ALA A 269 -11.77 -4.22 18.52
N ASN A 270 -12.14 -2.94 18.37
CA ASN A 270 -13.48 -2.47 18.74
C ASN A 270 -14.54 -2.66 17.66
N GLY A 271 -15.32 -3.73 17.76
CA GLY A 271 -16.34 -3.99 16.76
C GLY A 271 -17.34 -2.90 16.39
N ASN A 272 -17.56 -1.92 17.25
CA ASN A 272 -18.54 -0.88 16.93
C ASN A 272 -17.94 0.45 16.52
N LEU A 273 -16.62 0.55 16.58
CA LEU A 273 -15.96 1.79 16.22
C LEU A 273 -16.15 2.15 14.74
N GLY A 274 -16.80 3.29 14.50
CA GLY A 274 -17.03 3.74 13.13
C GLY A 274 -16.09 4.84 12.64
N ASN A 275 -15.96 4.98 11.33
CA ASN A 275 -15.09 5.99 10.78
C ASN A 275 -15.65 7.42 10.82
N LYS A 276 -14.99 8.30 10.08
CA LYS A 276 -15.35 9.71 10.03
C LYS A 276 -16.81 9.99 9.82
N SER A 277 -17.50 9.15 9.05
CA SER A 277 -18.91 9.37 8.78
C SER A 277 -19.87 8.47 9.58
N GLY A 278 -19.37 7.38 10.16
CA GLY A 278 -20.26 6.55 10.94
C GLY A 278 -20.30 5.10 10.57
N LEU A 279 -19.48 4.75 9.59
CA LEU A 279 -19.45 3.40 9.15
C LEU A 279 -18.78 2.42 10.12
N THR A 280 -19.54 1.38 10.47
CA THR A 280 -19.05 0.32 11.35
C THR A 280 -18.65 -0.83 10.40
N PRO A 281 -17.65 -1.65 10.79
CA PRO A 281 -17.25 -2.76 9.94
C PRO A 281 -18.44 -3.52 9.36
N LEU A 282 -19.47 -3.77 10.17
CA LEU A 282 -20.63 -4.49 9.67
C LEU A 282 -21.18 -3.79 8.42
N HIS A 283 -21.29 -2.45 8.46
CA HIS A 283 -21.78 -1.66 7.31
C HIS A 283 -21.02 -1.99 6.01
N LEU A 284 -19.70 -1.89 6.08
CA LEU A 284 -18.86 -2.19 4.93
C LEU A 284 -19.13 -3.63 4.56
N VAL A 285 -19.20 -4.52 5.54
CA VAL A 285 -19.47 -5.91 5.21
C VAL A 285 -20.78 -6.04 4.43
N ALA A 286 -21.80 -5.25 4.79
CA ALA A 286 -23.08 -5.29 4.11
C ALA A 286 -22.94 -4.79 2.68
N GLN A 287 -22.05 -3.84 2.48
CA GLN A 287 -21.82 -3.28 1.16
C GLN A 287 -21.33 -4.34 0.20
N GLU A 288 -20.18 -4.94 0.52
CA GLU A 288 -19.60 -5.98 -0.31
C GLU A 288 -20.30 -7.32 -0.06
N GLY A 289 -21.12 -7.38 0.98
CA GLY A 289 -21.84 -8.62 1.28
C GLY A 289 -21.06 -9.91 1.46
N HIS A 290 -20.35 -10.05 2.59
CA HIS A 290 -19.58 -11.27 2.92
C HIS A 290 -20.22 -11.89 4.16
N VAL A 291 -21.20 -12.76 3.96
CA VAL A 291 -21.90 -13.37 5.09
C VAL A 291 -21.00 -13.90 6.19
N PRO A 292 -19.92 -14.61 5.82
CA PRO A 292 -19.00 -15.14 6.85
C PRO A 292 -18.59 -14.07 7.86
N VAL A 293 -17.97 -12.99 7.38
CA VAL A 293 -17.55 -11.91 8.26
C VAL A 293 -18.77 -11.36 8.99
N ALA A 294 -19.86 -11.17 8.27
CA ALA A 294 -21.06 -10.65 8.91
C ALA A 294 -21.42 -11.57 10.07
N ASP A 295 -21.10 -12.85 9.94
CA ASP A 295 -21.40 -13.80 11.00
C ASP A 295 -20.47 -13.51 12.17
N VAL A 296 -19.17 -13.66 11.90
CA VAL A 296 -18.14 -13.42 12.88
C VAL A 296 -18.43 -12.21 13.74
N LEU A 297 -18.78 -11.09 13.13
CA LEU A 297 -19.07 -9.88 13.88
C LEU A 297 -20.33 -9.93 14.74
N ILE A 298 -21.45 -10.39 14.18
CA ILE A 298 -22.67 -10.45 14.98
C ILE A 298 -22.50 -11.44 16.12
N LYS A 299 -21.89 -12.60 15.84
CA LYS A 299 -21.63 -13.60 16.89
C LYS A 299 -20.83 -12.93 17.99
N HIS A 300 -19.85 -12.12 17.60
CA HIS A 300 -19.03 -11.40 18.57
C HIS A 300 -19.87 -10.39 19.35
N GLY A 301 -20.97 -9.93 18.77
CA GLY A 301 -21.82 -9.00 19.50
C GLY A 301 -21.76 -7.55 19.05
N VAL A 302 -21.52 -7.34 17.77
CA VAL A 302 -21.47 -5.99 17.23
C VAL A 302 -22.92 -5.54 17.24
N MET A 303 -23.16 -4.26 17.06
CA MET A 303 -24.53 -3.75 17.02
C MET A 303 -25.05 -4.08 15.62
N VAL A 304 -26.17 -4.78 15.53
CA VAL A 304 -26.68 -5.12 14.21
C VAL A 304 -27.21 -3.91 13.49
N ASP A 305 -28.00 -3.09 14.15
CA ASP A 305 -28.49 -1.90 13.48
C ASP A 305 -27.74 -0.66 13.90
N ALA A 306 -26.42 -0.75 13.84
CA ALA A 306 -25.54 0.38 14.16
C ALA A 306 -25.82 1.40 13.06
N THR A 307 -25.89 2.69 13.41
CA THR A 307 -26.18 3.68 12.38
C THR A 307 -25.08 4.64 11.97
N THR A 308 -25.19 5.12 10.73
CA THR A 308 -24.26 6.08 10.17
C THR A 308 -24.64 7.45 10.71
N ARG A 309 -23.93 8.49 10.29
CA ARG A 309 -24.26 9.82 10.77
C ARG A 309 -25.60 10.23 10.18
N MET A 310 -25.87 9.76 8.97
CA MET A 310 -27.13 10.09 8.32
C MET A 310 -28.23 9.17 8.83
N GLY A 311 -27.85 7.98 9.30
CA GLY A 311 -28.86 7.09 9.81
C GLY A 311 -29.06 5.84 8.99
N TYR A 312 -28.02 5.40 8.31
CA TYR A 312 -28.15 4.19 7.54
C TYR A 312 -27.69 3.01 8.40
N THR A 313 -28.44 1.91 8.31
CA THR A 313 -28.11 0.72 9.07
C THR A 313 -27.45 -0.27 8.14
N PRO A 314 -26.90 -1.36 8.70
CA PRO A 314 -26.28 -2.30 7.77
C PRO A 314 -27.31 -2.96 6.88
N LEU A 315 -28.60 -2.81 7.22
CA LEU A 315 -29.65 -3.37 6.38
C LEU A 315 -29.79 -2.38 5.24
N HIS A 316 -30.07 -1.12 5.56
CA HIS A 316 -30.19 -0.09 4.54
C HIS A 316 -29.12 -0.39 3.47
N VAL A 317 -27.87 -0.43 3.91
CA VAL A 317 -26.76 -0.68 3.02
C VAL A 317 -26.84 -2.01 2.29
N ALA A 318 -27.07 -3.11 3.01
CA ALA A 318 -27.12 -4.41 2.34
C ALA A 318 -28.26 -4.47 1.32
N SER A 319 -29.31 -3.69 1.54
CA SER A 319 -30.45 -3.66 0.63
C SER A 319 -30.13 -2.81 -0.59
N HIS A 320 -29.54 -1.66 -0.32
CA HIS A 320 -29.15 -0.72 -1.35
C HIS A 320 -28.30 -1.37 -2.42
N TYR A 321 -27.21 -2.01 -2.02
CA TYR A 321 -26.34 -2.69 -2.96
C TYR A 321 -26.90 -4.09 -3.28
N GLY A 322 -26.11 -4.90 -3.96
CA GLY A 322 -26.55 -6.24 -4.33
C GLY A 322 -26.97 -7.23 -3.24
N ASN A 323 -26.08 -8.19 -2.99
CA ASN A 323 -26.28 -9.31 -2.04
C ASN A 323 -27.51 -9.27 -1.13
N ILE A 324 -28.42 -10.19 -1.45
CA ILE A 324 -29.67 -10.37 -0.76
C ILE A 324 -29.41 -11.38 0.35
N LYS A 325 -28.41 -12.24 0.13
CA LYS A 325 -28.06 -13.25 1.13
C LYS A 325 -27.82 -12.56 2.46
N LEU A 326 -26.99 -11.53 2.44
CA LEU A 326 -26.68 -10.80 3.66
C LEU A 326 -27.92 -10.13 4.24
N VAL A 327 -28.88 -9.78 3.39
CA VAL A 327 -30.09 -9.14 3.89
C VAL A 327 -30.91 -10.14 4.71
N LYS A 328 -30.79 -11.42 4.38
CA LYS A 328 -31.51 -12.44 5.15
C LYS A 328 -30.84 -12.49 6.51
N PHE A 329 -29.53 -12.72 6.47
CA PHE A 329 -28.73 -12.81 7.68
C PHE A 329 -29.02 -11.67 8.66
N LEU A 330 -29.01 -10.43 8.16
CA LEU A 330 -29.28 -9.28 9.00
C LEU A 330 -30.68 -9.35 9.57
N LEU A 331 -31.61 -9.84 8.77
CA LEU A 331 -33.00 -9.92 9.23
C LEU A 331 -33.11 -11.02 10.24
N GLN A 332 -32.58 -12.20 9.92
CA GLN A 332 -32.61 -13.36 10.83
C GLN A 332 -32.06 -12.89 12.18
N HIS A 333 -30.94 -12.18 12.13
CA HIS A 333 -30.32 -11.65 13.32
C HIS A 333 -31.00 -10.38 13.83
N GLN A 334 -32.31 -10.38 13.66
CA GLN A 334 -33.18 -9.33 14.14
C GLN A 334 -32.97 -7.84 13.80
N ALA A 335 -32.54 -7.55 12.58
CA ALA A 335 -32.35 -6.16 12.18
C ALA A 335 -33.74 -5.54 12.17
N ASP A 336 -33.81 -4.22 12.26
CA ASP A 336 -35.09 -3.51 12.23
C ASP A 336 -35.42 -3.22 10.78
N VAL A 337 -36.39 -3.92 10.22
CA VAL A 337 -36.68 -3.73 8.82
C VAL A 337 -37.39 -2.42 8.45
N ASN A 338 -37.80 -1.64 9.43
CA ASN A 338 -38.44 -0.37 9.12
C ASN A 338 -37.57 0.73 9.67
N ALA A 339 -36.29 0.42 9.82
CA ALA A 339 -35.35 1.39 10.35
C ALA A 339 -35.31 2.58 9.41
N LYS A 340 -35.66 3.77 9.92
CA LYS A 340 -35.63 4.95 9.09
C LYS A 340 -34.37 5.81 9.20
N THR A 341 -34.05 6.46 8.08
CA THR A 341 -32.91 7.36 7.98
C THR A 341 -33.32 8.71 8.55
N LYS A 342 -32.38 9.64 8.67
CA LYS A 342 -32.76 10.93 9.20
C LYS A 342 -33.68 11.62 8.21
N LEU A 343 -33.75 11.07 7.00
CA LEU A 343 -34.58 11.65 5.95
C LEU A 343 -35.75 10.78 5.51
N GLY A 344 -36.15 9.85 6.36
CA GLY A 344 -37.28 8.99 6.03
C GLY A 344 -37.01 7.78 5.14
N TYR A 345 -35.80 7.67 4.63
CA TYR A 345 -35.54 6.53 3.78
C TYR A 345 -35.40 5.24 4.58
N SER A 346 -36.08 4.19 4.12
CA SER A 346 -36.05 2.88 4.77
C SER A 346 -35.36 1.84 3.90
N PRO A 347 -35.07 0.65 4.44
CA PRO A 347 -34.40 -0.39 3.65
C PRO A 347 -35.19 -0.71 2.39
N LEU A 348 -36.47 -0.36 2.37
CA LEU A 348 -37.24 -0.62 1.17
C LEU A 348 -36.88 0.46 0.13
N HIS A 349 -37.08 1.74 0.46
CA HIS A 349 -36.74 2.80 -0.47
C HIS A 349 -35.45 2.51 -1.22
N GLN A 350 -34.47 1.93 -0.54
CA GLN A 350 -33.20 1.63 -1.17
C GLN A 350 -33.41 0.51 -2.15
N ALA A 351 -33.96 -0.61 -1.68
CA ALA A 351 -34.14 -1.74 -2.59
C ALA A 351 -34.91 -1.32 -3.85
N ALA A 352 -35.88 -0.43 -3.67
CA ALA A 352 -36.63 0.08 -4.81
C ALA A 352 -35.67 0.90 -5.67
N GLN A 353 -35.28 2.08 -5.18
CA GLN A 353 -34.35 2.96 -5.87
C GLN A 353 -33.22 2.26 -6.64
N GLN A 354 -32.87 1.03 -6.28
CA GLN A 354 -31.83 0.32 -7.01
C GLN A 354 -32.42 -0.82 -7.81
N GLY A 355 -33.75 -0.95 -7.75
CA GLY A 355 -34.44 -1.99 -8.48
C GLY A 355 -33.94 -3.40 -8.22
N HIS A 356 -33.98 -3.81 -6.95
CA HIS A 356 -33.55 -5.16 -6.57
C HIS A 356 -34.73 -6.04 -6.17
N THR A 357 -35.79 -6.00 -7.02
CA THR A 357 -37.01 -6.79 -6.84
C THR A 357 -37.01 -7.85 -5.74
N ASP A 358 -36.13 -8.83 -5.86
CA ASP A 358 -36.03 -9.90 -4.88
C ASP A 358 -35.90 -9.44 -3.43
N ILE A 359 -35.27 -8.28 -3.23
CA ILE A 359 -35.11 -7.73 -1.89
C ILE A 359 -36.38 -7.01 -1.52
N VAL A 360 -37.06 -6.45 -2.50
CA VAL A 360 -38.31 -5.78 -2.20
C VAL A 360 -39.33 -6.88 -1.87
N THR A 361 -39.09 -8.09 -2.38
CA THR A 361 -39.98 -9.20 -2.10
C THR A 361 -39.71 -9.58 -0.64
N LEU A 362 -38.45 -9.92 -0.37
CA LEU A 362 -37.98 -10.34 0.96
C LEU A 362 -38.24 -9.31 2.06
N LEU A 363 -37.93 -8.05 1.81
CA LEU A 363 -38.19 -7.02 2.80
C LEU A 363 -39.67 -6.99 3.16
N LEU A 364 -40.53 -6.93 2.15
CA LEU A 364 -41.97 -6.90 2.39
C LEU A 364 -42.39 -8.13 3.19
N LYS A 365 -41.98 -9.30 2.70
CA LYS A 365 -42.28 -10.58 3.34
C LYS A 365 -41.85 -10.60 4.80
N ASN A 366 -40.69 -10.02 5.08
CA ASN A 366 -40.21 -9.99 6.45
C ASN A 366 -40.77 -8.77 7.21
N GLY A 367 -41.94 -8.29 6.78
CA GLY A 367 -42.62 -7.19 7.43
C GLY A 367 -42.35 -5.72 7.13
N ALA A 368 -41.52 -5.42 6.14
CA ALA A 368 -41.21 -4.03 5.83
C ALA A 368 -42.44 -3.23 5.36
N SER A 369 -42.67 -2.07 5.97
CA SER A 369 -43.81 -1.24 5.58
C SER A 369 -43.60 -0.54 4.24
N PRO A 370 -44.58 -0.66 3.33
CA PRO A 370 -44.54 -0.06 2.00
C PRO A 370 -45.28 1.28 1.87
N ASN A 371 -45.83 1.78 2.96
CA ASN A 371 -46.55 3.05 2.88
C ASN A 371 -45.81 4.06 3.70
N GLU A 372 -44.53 4.23 3.42
CA GLU A 372 -43.73 5.20 4.16
C GLU A 372 -43.24 6.37 3.29
N VAL A 373 -43.74 7.56 3.60
CA VAL A 373 -43.36 8.74 2.85
C VAL A 373 -42.05 9.27 3.41
N SER A 374 -41.11 9.61 2.52
CA SER A 374 -39.82 10.11 2.95
C SER A 374 -39.77 11.64 3.16
N SER A 375 -38.62 12.13 3.59
CA SER A 375 -38.42 13.57 3.84
C SER A 375 -38.54 14.34 2.54
N ASP A 376 -38.63 13.61 1.44
CA ASP A 376 -38.81 14.23 0.14
C ASP A 376 -40.32 14.14 -0.20
N GLY A 377 -40.85 12.94 -0.36
CA GLY A 377 -42.27 12.80 -0.64
C GLY A 377 -42.42 11.47 -1.29
N THR A 378 -41.28 10.84 -1.47
CA THR A 378 -41.21 9.55 -2.10
C THR A 378 -41.64 8.40 -1.19
N THR A 379 -42.30 7.41 -1.80
CA THR A 379 -42.70 6.20 -1.09
C THR A 379 -41.97 5.16 -1.93
N PRO A 380 -41.58 4.03 -1.35
CA PRO A 380 -40.88 3.07 -2.18
C PRO A 380 -41.49 2.82 -3.57
N LEU A 381 -42.82 2.91 -3.71
CA LEU A 381 -43.42 2.72 -5.03
C LEU A 381 -43.02 3.91 -5.92
N ALA A 382 -43.25 5.14 -5.42
CA ALA A 382 -42.92 6.37 -6.14
C ALA A 382 -41.53 6.27 -6.78
N ILE A 383 -40.57 5.81 -6.01
CA ILE A 383 -39.23 5.66 -6.53
C ILE A 383 -39.24 4.59 -7.64
N ALA A 384 -39.57 3.34 -7.30
CA ALA A 384 -39.59 2.28 -8.29
C ALA A 384 -40.19 2.76 -9.61
N LYS A 385 -41.27 3.55 -9.52
CA LYS A 385 -41.94 4.08 -10.70
C LYS A 385 -41.01 5.02 -11.49
N ARG A 386 -40.64 6.16 -10.88
CA ARG A 386 -39.78 7.15 -11.52
C ARG A 386 -38.51 6.57 -12.19
N LEU A 387 -38.01 5.46 -11.69
CA LEU A 387 -36.82 4.87 -12.29
C LEU A 387 -37.19 3.87 -13.37
N GLY A 388 -38.48 3.69 -13.55
CA GLY A 388 -38.94 2.78 -14.56
C GLY A 388 -38.51 1.36 -14.30
N TYR A 389 -38.20 1.05 -13.05
CA TYR A 389 -37.85 -0.33 -12.70
C TYR A 389 -39.26 -0.90 -12.61
N ILE A 390 -39.63 -1.75 -13.55
CA ILE A 390 -41.00 -2.25 -13.55
C ILE A 390 -41.29 -3.48 -12.65
N SER A 391 -40.47 -4.53 -12.76
CA SER A 391 -40.67 -5.74 -11.95
C SER A 391 -40.97 -5.36 -10.50
N VAL A 392 -40.27 -4.32 -10.04
CA VAL A 392 -40.43 -3.80 -8.69
C VAL A 392 -41.77 -3.05 -8.56
N THR A 393 -42.02 -2.10 -9.47
CA THR A 393 -43.26 -1.33 -9.43
C THR A 393 -44.46 -2.25 -9.34
N ASP A 394 -44.32 -3.45 -9.92
CA ASP A 394 -45.43 -4.39 -9.86
C ASP A 394 -45.66 -4.84 -8.43
N VAL A 395 -44.61 -5.41 -7.82
CA VAL A 395 -44.70 -5.89 -6.44
C VAL A 395 -45.15 -4.82 -5.45
N LEU A 396 -44.64 -3.60 -5.58
CA LEU A 396 -45.06 -2.54 -4.66
C LEU A 396 -46.48 -2.02 -4.97
N LYS A 397 -46.82 -2.03 -6.25
CA LYS A 397 -48.12 -1.59 -6.81
C LYS A 397 -49.31 -2.08 -5.97
N VAL A 398 -49.34 -3.39 -5.78
CA VAL A 398 -50.37 -4.07 -5.01
C VAL A 398 -50.52 -3.53 -3.57
N VAL A 399 -49.51 -3.86 -2.75
CA VAL A 399 -49.44 -3.50 -1.34
C VAL A 399 -49.31 -2.03 -0.96
N THR A 400 -48.81 -1.18 -1.84
CA THR A 400 -48.70 0.22 -1.50
C THR A 400 -50.06 0.88 -1.47
N ASP A 401 -50.25 1.87 -0.60
CA ASP A 401 -51.55 2.51 -0.47
C ASP A 401 -51.82 3.71 -1.37
N GLU A 402 -52.87 4.46 -1.04
CA GLU A 402 -53.32 5.63 -1.78
C GLU A 402 -52.46 6.91 -1.68
N THR A 403 -52.22 7.53 -2.81
CA THR A 403 -51.43 8.76 -2.83
C THR A 403 -52.27 9.93 -2.26
N SER A 404 -52.48 9.97 -0.94
CA SER A 404 -53.27 11.05 -0.34
C SER A 404 -52.75 12.45 -0.72
N PHE A 405 -51.84 12.47 -1.69
CA PHE A 405 -51.25 13.70 -2.20
C PHE A 405 -50.46 13.38 -3.47
N VAL A 406 -49.98 14.44 -4.13
CA VAL A 406 -49.16 14.32 -5.35
C VAL A 406 -48.06 15.40 -5.41
N LEU A 407 -47.01 15.08 -6.16
CA LEU A 407 -45.85 15.96 -6.34
C LEU A 407 -45.95 16.73 -7.67
N HIS A 412 -35.75 16.02 -8.23
CA HIS A 412 -35.81 14.59 -7.94
C HIS A 412 -34.62 14.22 -7.07
N ARG A 413 -34.77 14.24 -5.75
CA ARG A 413 -33.66 13.90 -4.86
C ARG A 413 -33.58 12.42 -4.47
N MET A 414 -32.40 11.81 -4.63
CA MET A 414 -32.19 10.39 -4.30
C MET A 414 -31.58 10.09 -2.91
N SER A 415 -31.19 8.83 -2.68
CA SER A 415 -30.65 8.39 -1.39
C SER A 415 -29.50 7.39 -1.46
N PHE A 416 -28.32 7.81 -1.01
CA PHE A 416 -27.16 6.92 -1.00
C PHE A 416 -26.53 6.84 0.38
N PRO A 417 -26.16 5.62 0.79
CA PRO A 417 -25.54 5.42 2.09
C PRO A 417 -24.12 5.95 1.96
N GLU A 418 -23.60 6.48 3.06
CA GLU A 418 -22.27 7.03 3.11
C GLU A 418 -21.26 5.94 2.79
N THR A 419 -20.14 6.34 2.21
CA THR A 419 -19.11 5.39 1.82
C THR A 419 -17.73 5.89 2.21
N VAL A 420 -16.72 5.03 2.09
CA VAL A 420 -15.35 5.42 2.41
C VAL A 420 -14.77 5.99 1.11
N ASP A 421 -13.81 6.92 1.24
CA ASP A 421 -13.22 7.56 0.06
C ASP A 421 -12.05 6.91 -0.67
N GLU A 422 -11.08 7.75 -1.03
CA GLU A 422 -9.92 7.28 -1.79
C GLU A 422 -8.55 7.24 -1.06
#